data_2H5I
#
_entry.id   2H5I
#
_cell.length_a   69.920
_cell.length_b   86.050
_cell.length_c   97.990
_cell.angle_alpha   90.00
_cell.angle_beta   90.00
_cell.angle_gamma   90.00
#
_symmetry.space_group_name_H-M   'I 2 2 2'
#
loop_
_entity.id
_entity.type
_entity.pdbx_description
1 polymer 'caspase-3, p17 subunit'
2 polymer 'caspase-3, p12 subunit'
3 polymer Ac-DEV(ASJ)
4 water water
#
loop_
_entity_poly.entity_id
_entity_poly.type
_entity_poly.pdbx_seq_one_letter_code
_entity_poly.pdbx_strand_id
1 'polypeptide(L)'
;SGISLDNSYKMDYPEMGLCIIINNKNFHKSTGMTSRSGTDVDAANLRETFRNLKYEVRNKNDLTREEIVELMRDVSKEDH
SKRSSFVCVLLSHGEEGIIFGTNGPVDLKKITNFFRGDRCRSLTGKPKLFIIQACRGTELDCGIET
;
A
2 'polypeptide(L)'
;CHKIPVEADFLYAYSTAPGYYSWRNSKDGSWFIQSLCAMLKQYADKLEFMHILTRVNRKVATEFESFSFDATFHAKKQIP
CIVSMLTKELYFYHH
;
B
3 'polypeptide(L)' (ACE)DEV(ASJ) C
#
# COMPACT_ATOMS: atom_id res chain seq x y z
N SER A 1 -31.33 -1.53 -24.36
CA SER A 1 -31.17 -0.17 -23.83
C SER A 1 -30.36 0.71 -24.79
N GLY A 2 -29.82 1.82 -24.27
CA GLY A 2 -28.99 2.69 -25.10
C GLY A 2 -27.54 2.21 -25.12
N ILE A 3 -26.70 3.02 -25.74
CA ILE A 3 -25.27 2.81 -25.88
C ILE A 3 -24.57 2.57 -24.56
N SER A 4 -23.71 1.54 -24.44
CA SER A 4 -23.05 1.28 -23.16
C SER A 4 -21.54 1.08 -23.27
N LEU A 5 -20.78 1.72 -22.39
CA LEU A 5 -19.32 1.61 -22.39
C LEU A 5 -18.78 0.78 -21.22
N ASP A 6 -17.60 0.20 -21.39
CA ASP A 6 -16.96 -0.61 -20.37
C ASP A 6 -15.55 -0.18 -19.97
N ASN A 7 -15.33 1.10 -19.69
CA ASN A 7 -13.98 1.60 -19.41
C ASN A 7 -13.62 1.69 -17.93
N SER A 8 -14.54 1.35 -17.04
CA SER A 8 -14.23 1.44 -15.60
C SER A 8 -14.66 0.21 -14.84
N TYR A 9 -13.96 -0.16 -13.76
CA TYR A 9 -14.33 -1.35 -12.99
C TYR A 9 -15.70 -1.21 -12.33
N LYS A 10 -16.46 -2.31 -12.28
CA LYS A 10 -17.77 -2.25 -11.61
C LYS A 10 -17.60 -2.09 -10.11
N MET A 11 -18.08 -1.07 -9.43
CA MET A 11 -17.76 -0.95 -8.00
C MET A 11 -19.02 -0.88 -7.15
N ASP A 12 -20.12 -1.40 -7.70
CA ASP A 12 -21.39 -1.38 -6.99
C ASP A 12 -21.92 -2.78 -6.65
N TYR A 13 -21.04 -3.74 -6.38
CA TYR A 13 -21.39 -5.00 -5.76
C TYR A 13 -21.93 -4.70 -4.36
N PRO A 14 -22.54 -5.63 -3.64
CA PRO A 14 -23.07 -5.31 -2.30
C PRO A 14 -22.04 -4.82 -1.30
N GLU A 15 -20.76 -5.23 -1.37
CA GLU A 15 -19.71 -4.77 -0.50
C GLU A 15 -18.52 -4.20 -1.29
N MET A 16 -17.85 -3.17 -0.78
CA MET A 16 -16.62 -2.67 -1.39
C MET A 16 -15.48 -3.69 -1.31
N GLY A 17 -15.35 -4.41 -0.20
CA GLY A 17 -14.35 -5.45 -0.04
C GLY A 17 -13.56 -5.30 1.25
N LEU A 18 -12.58 -6.20 1.48
CA LEU A 18 -11.73 -6.18 2.65
C LEU A 18 -10.56 -5.20 2.49
N CYS A 19 -10.13 -4.58 3.58
CA CYS A 19 -8.88 -3.83 3.67
C CYS A 19 -8.08 -4.45 4.82
N ILE A 20 -7.04 -5.22 4.54
CA ILE A 20 -6.18 -5.83 5.56
C ILE A 20 -4.99 -4.93 5.87
N ILE A 21 -4.77 -4.49 7.11
CA ILE A 21 -3.63 -3.63 7.44
C ILE A 21 -2.65 -4.39 8.33
N ILE A 22 -1.43 -4.64 7.93
CA ILE A 22 -0.42 -5.35 8.72
C ILE A 22 0.60 -4.33 9.22
N ASN A 23 0.63 -4.11 10.53
CA ASN A 23 1.39 -3.06 11.21
C ASN A 23 2.51 -3.65 12.04
N ASN A 24 3.74 -3.70 11.53
CA ASN A 24 4.82 -4.28 12.32
C ASN A 24 5.68 -3.18 12.93
N LYS A 25 5.61 -3.07 14.27
CA LYS A 25 6.31 -2.03 15.01
C LYS A 25 7.50 -2.54 15.81
N ASN A 26 7.35 -3.69 16.46
CA ASN A 26 8.40 -4.21 17.34
C ASN A 26 8.94 -5.54 16.81
N PHE A 27 10.25 -5.66 16.71
CA PHE A 27 10.87 -6.86 16.12
C PHE A 27 11.65 -7.70 17.10
N HIS A 28 11.79 -9.00 16.85
CA HIS A 28 12.58 -9.81 17.79
C HIS A 28 14.01 -9.28 17.89
N LYS A 29 14.51 -9.30 19.14
CA LYS A 29 15.84 -8.81 19.45
C LYS A 29 16.93 -9.44 18.60
N SER A 30 16.86 -10.75 18.34
CA SER A 30 17.90 -11.38 17.56
C SER A 30 18.00 -10.91 16.11
N THR A 31 16.93 -10.30 15.61
CA THR A 31 17.02 -9.78 14.24
C THR A 31 17.85 -8.50 14.14
N GLY A 32 18.00 -7.79 15.24
CA GLY A 32 18.64 -6.50 15.23
C GLY A 32 17.91 -5.38 14.52
N MET A 33 16.59 -5.46 14.32
CA MET A 33 15.85 -4.40 13.66
C MET A 33 15.27 -3.42 14.66
N THR A 34 15.33 -2.10 14.39
CA THR A 34 14.82 -1.17 15.38
C THR A 34 13.30 -1.04 15.39
N SER A 35 12.77 -0.46 16.48
CA SER A 35 11.34 -0.20 16.60
C SER A 35 10.87 0.92 15.69
N ARG A 36 9.69 0.79 15.06
CA ARG A 36 9.31 1.78 14.04
C ARG A 36 8.41 2.86 14.62
N SER A 37 8.98 3.79 15.41
CA SER A 37 8.15 4.84 16.03
C SER A 37 7.36 5.67 15.03
N GLY A 38 6.08 5.89 15.28
CA GLY A 38 5.22 6.65 14.37
C GLY A 38 4.27 5.74 13.60
N THR A 39 4.53 4.43 13.56
CA THR A 39 3.70 3.58 12.70
C THR A 39 2.30 3.40 13.25
N ASP A 40 2.03 3.53 14.55
CA ASP A 40 0.63 3.47 15.01
C ASP A 40 -0.20 4.66 14.56
N VAL A 41 0.42 5.82 14.40
CA VAL A 41 -0.25 6.97 13.79
C VAL A 41 -0.72 6.62 12.37
N ASP A 42 0.18 6.00 11.59
CA ASP A 42 -0.18 5.56 10.23
C ASP A 42 -1.32 4.56 10.21
N ALA A 43 -1.26 3.51 11.05
CA ALA A 43 -2.29 2.47 11.07
C ALA A 43 -3.64 3.04 11.45
N ALA A 44 -3.72 4.01 12.37
CA ALA A 44 -5.00 4.61 12.75
C ALA A 44 -5.56 5.53 11.67
N ASN A 45 -4.69 6.24 10.98
CA ASN A 45 -5.13 7.11 9.87
C ASN A 45 -5.72 6.25 8.75
N LEU A 46 -5.06 5.12 8.46
CA LEU A 46 -5.56 4.26 7.36
C LEU A 46 -6.90 3.63 7.69
N ARG A 47 -7.11 3.17 8.93
CA ARG A 47 -8.38 2.55 9.34
C ARG A 47 -9.52 3.54 9.20
N GLU A 48 -9.32 4.81 9.59
CA GLU A 48 -10.39 5.81 9.45
C GLU A 48 -10.66 6.18 8.00
N THR A 49 -9.61 6.26 7.18
CA THR A 49 -9.74 6.62 5.76
C THR A 49 -10.50 5.54 5.00
N PHE A 50 -10.13 4.27 5.18
CA PHE A 50 -10.81 3.21 4.42
C PHE A 50 -12.17 2.89 5.02
N ARG A 51 -12.42 3.17 6.30
CA ARG A 51 -13.77 3.09 6.87
C ARG A 51 -14.73 4.04 6.16
N ASN A 52 -14.24 5.26 5.88
CA ASN A 52 -15.11 6.24 5.22
C ASN A 52 -15.34 5.89 3.76
N LEU A 53 -14.50 5.03 3.18
CA LEU A 53 -14.73 4.55 1.79
C LEU A 53 -15.59 3.28 1.75
N LYS A 54 -16.05 2.80 2.89
CA LYS A 54 -16.93 1.67 3.15
C LYS A 54 -16.25 0.32 2.96
N TYR A 55 -14.93 0.20 3.19
CA TYR A 55 -14.21 -1.07 3.27
C TYR A 55 -14.39 -1.71 4.65
N GLU A 56 -14.44 -3.03 4.72
CA GLU A 56 -14.42 -3.86 5.93
C GLU A 56 -12.97 -3.95 6.41
N VAL A 57 -12.53 -3.14 7.39
CA VAL A 57 -11.10 -3.09 7.70
C VAL A 57 -10.70 -4.10 8.75
N ARG A 58 -9.59 -4.82 8.59
CA ARG A 58 -9.08 -5.69 9.65
C ARG A 58 -7.65 -5.30 10.00
N ASN A 59 -7.36 -4.95 11.26
CA ASN A 59 -6.00 -4.52 11.61
C ASN A 59 -5.24 -5.62 12.33
N LYS A 60 -4.00 -5.89 11.92
CA LYS A 60 -3.18 -6.92 12.57
C LYS A 60 -1.84 -6.31 12.99
N ASN A 61 -1.35 -6.61 14.18
CA ASN A 61 -0.13 -6.06 14.74
C ASN A 61 0.96 -7.07 15.06
N ASP A 62 2.21 -6.73 14.75
CA ASP A 62 3.40 -7.47 15.10
C ASP A 62 3.28 -8.95 14.74
N LEU A 63 3.17 -9.29 13.45
CA LEU A 63 3.11 -10.66 12.95
C LEU A 63 4.46 -11.25 12.52
N THR A 64 4.71 -12.52 12.80
CA THR A 64 5.91 -13.25 12.37
C THR A 64 5.77 -13.57 10.87
N ARG A 65 6.90 -13.98 10.27
CA ARG A 65 6.84 -14.33 8.83
C ARG A 65 5.88 -15.49 8.60
N GLU A 66 5.86 -16.45 9.52
CA GLU A 66 4.89 -17.54 9.41
C GLU A 66 3.44 -17.08 9.49
N GLU A 67 3.14 -16.18 10.42
CA GLU A 67 1.81 -15.61 10.59
C GLU A 67 1.38 -14.79 9.37
N ILE A 68 2.30 -14.09 8.71
CA ILE A 68 1.93 -13.25 7.56
C ILE A 68 1.48 -14.19 6.44
N VAL A 69 2.27 -15.23 6.16
CA VAL A 69 1.91 -16.16 5.07
C VAL A 69 0.62 -16.91 5.39
N GLU A 70 0.34 -17.35 6.63
CA GLU A 70 -0.92 -18.02 6.92
C GLU A 70 -2.12 -17.08 6.84
N LEU A 71 -1.95 -15.81 7.21
CA LEU A 71 -3.04 -14.87 7.07
C LEU A 71 -3.44 -14.67 5.60
N MET A 72 -2.46 -14.43 4.74
CA MET A 72 -2.68 -14.21 3.31
C MET A 72 -3.30 -15.41 2.63
N ARG A 73 -2.82 -16.61 2.96
CA ARG A 73 -3.42 -17.83 2.43
C ARG A 73 -4.90 -17.89 2.79
N ASP A 74 -5.25 -17.79 4.08
CA ASP A 74 -6.64 -17.90 4.52
C ASP A 74 -7.54 -16.82 3.92
N VAL A 75 -7.05 -15.59 3.80
CA VAL A 75 -7.88 -14.53 3.20
C VAL A 75 -8.13 -14.85 1.73
N SER A 76 -7.15 -15.41 1.04
CA SER A 76 -7.33 -15.69 -0.40
C SER A 76 -8.28 -16.87 -0.60
N LYS A 77 -8.51 -17.65 0.45
CA LYS A 77 -9.49 -18.74 0.36
C LYS A 77 -10.90 -18.36 0.82
N GLU A 78 -11.18 -17.12 1.21
CA GLU A 78 -12.56 -16.69 1.47
C GLU A 78 -13.37 -16.55 0.19
N ASP A 79 -14.68 -16.46 0.35
CA ASP A 79 -15.51 -16.16 -0.84
C ASP A 79 -15.70 -14.67 -1.04
N HIS A 80 -15.11 -14.10 -2.09
CA HIS A 80 -15.19 -12.67 -2.39
C HIS A 80 -16.23 -12.36 -3.46
N SER A 81 -17.11 -13.30 -3.80
CA SER A 81 -18.12 -13.07 -4.84
C SER A 81 -18.97 -11.83 -4.75
N LYS A 82 -19.38 -11.38 -3.56
CA LYS A 82 -20.15 -10.16 -3.38
C LYS A 82 -19.30 -8.91 -3.08
N ARG A 83 -17.99 -8.98 -3.26
CA ARG A 83 -17.07 -7.86 -3.02
C ARG A 83 -16.52 -7.27 -4.32
N SER A 84 -16.41 -5.94 -4.40
CA SER A 84 -15.96 -5.26 -5.62
C SER A 84 -14.46 -5.33 -5.83
N SER A 85 -13.69 -5.37 -4.75
CA SER A 85 -12.23 -5.19 -4.82
C SER A 85 -11.51 -5.77 -3.61
N PHE A 86 -10.17 -5.71 -3.55
CA PHE A 86 -9.37 -6.16 -2.41
C PHE A 86 -8.25 -5.17 -2.13
N VAL A 87 -8.00 -4.84 -0.86
CA VAL A 87 -6.92 -3.92 -0.49
C VAL A 87 -6.06 -4.52 0.62
N CYS A 88 -4.74 -4.48 0.47
CA CYS A 88 -3.78 -4.88 1.51
C CYS A 88 -2.72 -3.80 1.71
N VAL A 89 -2.52 -3.40 2.97
CA VAL A 89 -1.50 -2.40 3.33
C VAL A 89 -0.41 -3.04 4.20
N LEU A 90 0.85 -2.88 3.83
CA LEU A 90 1.99 -3.43 4.59
C LEU A 90 2.87 -2.29 5.16
N LEU A 91 3.05 -2.25 6.48
CA LEU A 91 3.86 -1.26 7.17
C LEU A 91 4.99 -1.96 7.91
N SER A 92 6.24 -1.87 7.43
CA SER A 92 7.33 -2.61 8.09
C SER A 92 8.71 -2.17 7.58
N HIS A 93 9.79 -2.81 8.04
CA HIS A 93 11.09 -2.73 7.42
C HIS A 93 11.07 -3.52 6.09
N GLY A 94 12.02 -3.22 5.20
CA GLY A 94 12.06 -3.95 3.91
C GLY A 94 13.39 -3.78 3.19
N GLU A 95 13.51 -4.51 2.07
CA GLU A 95 14.52 -4.31 1.05
C GLU A 95 13.87 -4.55 -0.31
N GLU A 96 14.65 -4.42 -1.39
CA GLU A 96 14.01 -4.57 -2.72
C GLU A 96 13.33 -5.93 -2.83
N GLY A 97 12.03 -5.94 -3.10
CA GLY A 97 11.28 -7.18 -3.25
C GLY A 97 10.91 -7.90 -1.98
N ILE A 98 11.17 -7.35 -0.79
CA ILE A 98 11.00 -8.09 0.47
C ILE A 98 10.36 -7.23 1.55
N ILE A 99 9.54 -7.81 2.41
CA ILE A 99 8.94 -7.14 3.57
C ILE A 99 9.28 -7.95 4.81
N PHE A 100 9.55 -7.33 5.97
CA PHE A 100 9.93 -8.14 7.13
C PHE A 100 8.78 -8.51 8.05
N GLY A 101 8.69 -9.78 8.43
CA GLY A 101 7.91 -10.18 9.61
C GLY A 101 8.74 -9.83 10.85
N THR A 102 8.21 -10.03 12.05
CA THR A 102 8.93 -9.66 13.27
C THR A 102 10.18 -10.52 13.49
N ASN A 103 10.27 -11.69 12.84
CA ASN A 103 11.42 -12.57 13.03
C ASN A 103 12.19 -12.90 11.76
N GLY A 104 11.95 -12.17 10.68
CA GLY A 104 12.65 -12.43 9.42
C GLY A 104 11.79 -12.11 8.20
N PRO A 105 12.38 -12.20 7.01
CA PRO A 105 11.78 -11.71 5.77
C PRO A 105 10.79 -12.64 5.08
N VAL A 106 9.95 -12.01 4.26
CA VAL A 106 8.96 -12.60 3.36
C VAL A 106 9.08 -12.02 1.95
N ASP A 107 9.25 -12.80 0.88
CA ASP A 107 9.23 -12.21 -0.45
C ASP A 107 7.87 -11.65 -0.82
N LEU A 108 7.80 -10.44 -1.34
CA LEU A 108 6.51 -9.87 -1.74
C LEU A 108 5.80 -10.74 -2.79
N LYS A 109 6.54 -11.38 -3.68
CA LYS A 109 5.86 -12.21 -4.71
C LYS A 109 5.13 -13.38 -4.10
N LYS A 110 5.56 -13.88 -2.95
CA LYS A 110 4.89 -14.98 -2.26
C LYS A 110 3.52 -14.57 -1.77
N ILE A 111 3.46 -13.33 -1.28
CA ILE A 111 2.18 -12.78 -0.83
C ILE A 111 1.24 -12.50 -1.98
N THR A 112 1.67 -11.82 -3.04
CA THR A 112 0.72 -11.45 -4.10
C THR A 112 0.34 -12.66 -4.93
N ASN A 113 1.16 -13.70 -4.93
CA ASN A 113 0.82 -14.90 -5.72
C ASN A 113 -0.47 -15.56 -5.22
N PHE A 114 -0.80 -15.51 -3.92
CA PHE A 114 -2.10 -16.10 -3.50
C PHE A 114 -3.32 -15.48 -4.19
N PHE A 115 -3.22 -14.29 -4.76
CA PHE A 115 -4.34 -13.55 -5.32
C PHE A 115 -4.31 -13.56 -6.86
N ARG A 116 -3.40 -14.30 -7.48
CA ARG A 116 -3.31 -14.38 -8.95
C ARG A 116 -4.66 -14.74 -9.58
N GLY A 117 -4.95 -14.30 -10.81
CA GLY A 117 -6.19 -14.65 -11.45
C GLY A 117 -6.56 -16.13 -11.43
N ASP A 118 -5.57 -17.03 -11.44
CA ASP A 118 -5.96 -18.45 -11.49
C ASP A 118 -6.10 -19.07 -10.11
N ARG A 119 -5.63 -18.43 -9.05
CA ARG A 119 -5.61 -19.02 -7.70
C ARG A 119 -6.63 -18.40 -6.76
N CYS A 120 -7.14 -17.20 -7.01
CA CYS A 120 -8.28 -16.68 -6.25
C CYS A 120 -9.41 -16.34 -7.23
N ARG A 121 -10.27 -17.34 -7.53
CA ARG A 121 -11.24 -17.13 -8.61
C ARG A 121 -12.33 -16.12 -8.33
N SER A 122 -12.74 -15.90 -7.07
CA SER A 122 -13.77 -14.90 -6.82
C SER A 122 -13.19 -13.48 -6.85
N LEU A 123 -11.89 -13.29 -7.10
CA LEU A 123 -11.37 -11.97 -7.38
C LEU A 123 -10.88 -11.81 -8.83
N THR A 124 -11.03 -12.84 -9.67
CA THR A 124 -10.67 -12.66 -11.09
C THR A 124 -11.39 -11.51 -11.76
N GLY A 125 -10.73 -10.59 -12.47
CA GLY A 125 -11.42 -9.46 -13.10
C GLY A 125 -11.64 -8.25 -12.21
N LYS A 126 -11.26 -8.36 -10.94
CA LYS A 126 -11.47 -7.31 -9.95
C LYS A 126 -10.14 -6.71 -9.49
N PRO A 127 -10.16 -5.40 -9.16
CA PRO A 127 -8.90 -4.75 -8.80
C PRO A 127 -8.35 -5.20 -7.45
N LYS A 128 -7.07 -5.53 -7.42
CA LYS A 128 -6.31 -5.95 -6.24
C LYS A 128 -5.21 -4.92 -5.96
N LEU A 129 -5.32 -4.17 -4.87
CA LEU A 129 -4.49 -3.03 -4.50
C LEU A 129 -3.53 -3.34 -3.35
N PHE A 130 -2.23 -3.22 -3.56
CA PHE A 130 -1.24 -3.45 -2.50
C PHE A 130 -0.50 -2.13 -2.23
N ILE A 131 -0.58 -1.66 -0.98
CA ILE A 131 0.06 -0.38 -0.60
C ILE A 131 1.23 -0.64 0.34
N ILE A 132 2.47 -0.23 -0.02
CA ILE A 132 3.66 -0.71 0.70
C ILE A 132 4.54 0.41 1.24
N GLN A 133 4.54 0.58 2.57
CA GLN A 133 5.43 1.51 3.26
C GLN A 133 6.57 0.70 3.86
N ALA A 134 7.71 0.68 3.17
CA ALA A 134 8.91 -0.06 3.54
C ALA A 134 10.11 0.38 2.70
N CYS A 135 11.32 0.21 3.20
CA CYS A 135 12.52 0.54 2.42
C CYS A 135 12.68 -0.39 1.21
N ARG A 136 13.33 0.05 0.13
CA ARG A 136 13.55 -0.77 -1.07
C ARG A 136 15.04 -0.82 -1.37
N GLY A 137 15.86 -0.57 -0.36
CA GLY A 137 17.31 -0.54 -0.47
C GLY A 137 17.89 0.58 0.39
N THR A 138 19.11 1.04 0.16
CA THR A 138 19.76 2.04 1.02
C THR A 138 20.24 3.27 0.28
N GLU A 139 19.74 3.60 -0.91
CA GLU A 139 20.14 4.86 -1.52
C GLU A 139 19.36 6.05 -0.96
N LEU A 140 19.93 7.26 -1.02
CA LEU A 140 19.37 8.51 -0.53
C LEU A 140 19.31 9.53 -1.67
N ASP A 141 18.22 10.25 -1.83
CA ASP A 141 18.06 11.21 -2.92
C ASP A 141 18.44 12.61 -2.47
N CYS A 142 19.47 13.25 -2.99
CA CYS A 142 19.95 14.57 -2.54
C CYS A 142 19.13 15.73 -3.05
N GLY A 143 18.25 15.48 -4.01
CA GLY A 143 17.41 16.56 -4.52
C GLY A 143 18.16 17.56 -5.41
N ILE A 144 17.40 18.46 -6.02
CA ILE A 144 17.93 19.57 -6.81
C ILE A 144 17.09 20.80 -6.56
N GLU A 145 17.70 21.97 -6.35
CA GLU A 145 16.90 23.15 -6.08
C GLU A 145 16.11 23.61 -7.30
N THR A 146 14.90 24.13 -7.12
CA THR A 146 14.08 24.66 -8.20
C THR A 146 13.92 26.18 -8.05
N HIS B 2 -10.68 -14.77 -24.56
CA HIS B 2 -11.34 -15.79 -23.74
C HIS B 2 -10.52 -16.05 -22.48
N LYS B 3 -9.25 -15.65 -22.44
CA LYS B 3 -8.46 -15.68 -21.23
C LYS B 3 -7.90 -14.28 -20.94
N ILE B 4 -7.51 -14.06 -19.68
CA ILE B 4 -6.75 -12.87 -19.28
C ILE B 4 -5.46 -13.29 -18.62
N PRO B 5 -4.41 -12.46 -18.57
CA PRO B 5 -3.16 -12.85 -17.92
C PRO B 5 -3.35 -13.06 -16.41
N VAL B 6 -2.65 -13.98 -15.76
CA VAL B 6 -2.84 -14.13 -14.30
C VAL B 6 -2.27 -12.94 -13.51
N GLU B 7 -1.38 -12.14 -14.10
CA GLU B 7 -0.81 -10.96 -13.42
C GLU B 7 -1.62 -9.70 -13.66
N ALA B 8 -2.71 -9.68 -14.44
CA ALA B 8 -3.55 -8.54 -14.69
C ALA B 8 -4.40 -8.12 -13.47
N ASP B 9 -4.79 -6.85 -13.42
CA ASP B 9 -5.67 -6.24 -12.44
C ASP B 9 -5.02 -6.10 -11.06
N PHE B 10 -3.71 -6.00 -10.98
CA PHE B 10 -2.98 -5.63 -9.77
C PHE B 10 -2.48 -4.18 -9.84
N LEU B 11 -2.51 -3.49 -8.68
CA LEU B 11 -1.86 -2.18 -8.56
C LEU B 11 -0.93 -2.17 -7.33
N TYR B 12 0.32 -1.78 -7.50
CA TYR B 12 1.29 -1.69 -6.39
C TYR B 12 1.62 -0.21 -6.13
N ALA B 13 1.23 0.35 -4.97
CA ALA B 13 1.54 1.75 -4.66
C ALA B 13 2.70 1.73 -3.66
N TYR B 14 3.92 1.88 -4.14
CA TYR B 14 5.13 1.82 -3.31
C TYR B 14 5.43 3.23 -2.79
N SER B 15 5.93 3.30 -1.54
CA SER B 15 6.22 4.59 -0.94
C SER B 15 7.45 5.30 -1.49
N THR B 16 8.35 4.56 -2.13
CA THR B 16 9.62 5.12 -2.62
C THR B 16 10.09 4.46 -3.91
N ALA B 17 11.05 5.08 -4.61
CA ALA B 17 11.58 4.48 -5.85
C ALA B 17 12.45 3.27 -5.65
N PRO B 18 12.61 2.38 -6.64
CA PRO B 18 13.40 1.16 -6.45
C PRO B 18 14.85 1.46 -6.04
N GLY B 19 15.38 0.77 -5.03
CA GLY B 19 16.71 0.90 -4.50
C GLY B 19 16.84 1.92 -3.36
N TYR B 20 15.82 2.70 -3.03
CA TYR B 20 15.94 3.81 -2.09
C TYR B 20 15.36 3.50 -0.71
N TYR B 21 15.91 4.18 0.32
CA TYR B 21 15.27 4.20 1.63
C TYR B 21 13.89 4.89 1.53
N SER B 22 13.00 4.68 2.51
CA SER B 22 11.71 5.35 2.67
C SER B 22 11.69 6.09 4.01
N TRP B 23 11.15 7.28 4.14
CA TRP B 23 11.21 8.07 5.37
C TRP B 23 9.95 8.06 6.21
N ARG B 24 10.14 8.05 7.53
CA ARG B 24 9.06 8.02 8.54
C ARG B 24 9.31 9.03 9.66
N ASN B 25 8.36 9.86 10.07
CA ASN B 25 8.59 10.74 11.22
C ASN B 25 8.03 10.13 12.52
N SER B 26 8.81 10.14 13.59
CA SER B 26 8.36 9.41 14.79
C SER B 26 7.16 10.08 15.46
N LYS B 27 6.84 11.34 15.22
CA LYS B 27 5.65 11.98 15.77
C LYS B 27 4.45 12.02 14.84
N ASP B 28 4.68 12.18 13.53
CA ASP B 28 3.60 12.44 12.59
C ASP B 28 3.29 11.23 11.70
N GLY B 29 4.13 10.19 11.69
CA GLY B 29 3.86 9.09 10.77
C GLY B 29 4.70 9.15 9.50
N SER B 30 4.50 8.19 8.58
CA SER B 30 5.36 8.18 7.37
C SER B 30 4.91 9.24 6.39
N TRP B 31 5.87 9.79 5.62
CA TRP B 31 5.57 10.83 4.65
C TRP B 31 4.48 10.36 3.66
N PHE B 32 4.65 9.12 3.17
CA PHE B 32 3.74 8.59 2.14
C PHE B 32 2.36 8.30 2.68
N ILE B 33 2.22 7.60 3.81
CA ILE B 33 0.87 7.32 4.33
C ILE B 33 0.16 8.58 4.74
N GLN B 34 0.79 9.55 5.39
CA GLN B 34 0.20 10.83 5.74
C GLN B 34 -0.42 11.52 4.52
N SER B 35 0.40 11.56 3.45
CA SER B 35 -0.03 12.17 2.20
C SER B 35 -1.12 11.38 1.47
N LEU B 36 -1.09 10.06 1.43
CA LEU B 36 -2.10 9.19 0.82
C LEU B 36 -3.46 9.40 1.48
N CYS B 37 -3.45 9.39 2.84
CA CYS B 37 -4.75 9.54 3.49
C CYS B 37 -5.36 10.91 3.28
N ALA B 38 -4.55 11.98 3.32
CA ALA B 38 -5.06 13.32 3.05
C ALA B 38 -5.65 13.45 1.65
N MET B 39 -4.97 12.88 0.63
CA MET B 39 -5.52 13.01 -0.74
C MET B 39 -6.75 12.13 -0.96
N LEU B 40 -6.87 10.93 -0.37
CA LEU B 40 -8.11 10.17 -0.46
C LEU B 40 -9.27 10.90 0.21
N LYS B 41 -9.01 11.50 1.38
CA LYS B 41 -10.09 12.26 2.02
C LYS B 41 -10.60 13.41 1.14
N GLN B 42 -9.71 14.15 0.52
CA GLN B 42 -10.15 15.30 -0.29
C GLN B 42 -10.68 14.93 -1.67
N TYR B 43 -10.24 13.85 -2.30
CA TYR B 43 -10.55 13.64 -3.72
C TYR B 43 -11.21 12.30 -4.03
N ALA B 44 -11.45 11.36 -3.09
CA ALA B 44 -12.04 10.08 -3.51
C ALA B 44 -13.45 10.22 -4.10
N ASP B 45 -14.19 11.29 -3.78
CA ASP B 45 -15.48 11.40 -4.41
C ASP B 45 -15.41 12.19 -5.71
N LYS B 46 -14.24 12.52 -6.23
CA LYS B 46 -14.03 13.45 -7.32
C LYS B 46 -13.17 12.96 -8.49
N LEU B 47 -12.11 12.21 -8.21
CA LEU B 47 -11.04 11.92 -9.15
C LEU B 47 -10.82 10.41 -9.32
N GLU B 48 -10.35 9.96 -10.49
CA GLU B 48 -9.96 8.57 -10.71
C GLU B 48 -8.72 8.25 -9.89
N PHE B 49 -8.50 7.01 -9.45
CA PHE B 49 -7.44 6.63 -8.52
C PHE B 49 -6.04 6.90 -9.05
N MET B 50 -5.68 6.72 -10.33
CA MET B 50 -4.33 7.12 -10.75
C MET B 50 -4.08 8.62 -10.63
N HIS B 51 -5.09 9.46 -10.81
CA HIS B 51 -4.93 10.91 -10.65
C HIS B 51 -4.86 11.26 -9.16
N ILE B 52 -5.52 10.52 -8.28
CA ILE B 52 -5.29 10.73 -6.82
C ILE B 52 -3.85 10.39 -6.49
N LEU B 53 -3.30 9.28 -6.97
CA LEU B 53 -1.93 8.89 -6.61
C LEU B 53 -0.88 9.84 -7.20
N THR B 54 -1.20 10.48 -8.33
CA THR B 54 -0.34 11.53 -8.91
C THR B 54 -0.25 12.72 -7.98
N ARG B 55 -1.36 13.14 -7.34
CA ARG B 55 -1.32 14.21 -6.34
C ARG B 55 -0.57 13.83 -5.06
N VAL B 56 -0.64 12.56 -4.66
CA VAL B 56 0.24 12.02 -3.61
C VAL B 56 1.72 12.13 -4.01
N ASN B 57 2.15 11.76 -5.22
CA ASN B 57 3.52 11.96 -5.67
C ASN B 57 3.97 13.42 -5.53
N ARG B 58 3.20 14.40 -5.98
CA ARG B 58 3.54 15.82 -5.89
C ARG B 58 3.64 16.28 -4.42
N LYS B 59 2.76 15.84 -3.54
CA LYS B 59 2.82 16.27 -2.14
C LYS B 59 4.08 15.77 -1.45
N VAL B 60 4.45 14.49 -1.66
CA VAL B 60 5.63 13.93 -1.02
C VAL B 60 6.89 14.59 -1.55
N ALA B 61 6.94 14.83 -2.86
CA ALA B 61 8.12 15.39 -3.49
C ALA B 61 8.33 16.87 -3.15
N THR B 62 7.26 17.62 -2.93
CA THR B 62 7.43 19.06 -2.71
C THR B 62 7.40 19.46 -1.23
N GLU B 63 6.63 18.83 -0.36
CA GLU B 63 6.39 19.32 1.01
C GLU B 63 7.30 18.71 2.07
N PHE B 64 8.07 17.68 1.83
CA PHE B 64 8.92 17.05 2.85
C PHE B 64 10.41 17.09 2.52
N GLU B 65 11.26 17.25 3.54
CA GLU B 65 12.72 17.15 3.44
C GLU B 65 13.30 16.68 4.77
N SER B 66 14.25 15.75 4.84
CA SER B 66 14.70 15.25 6.14
C SER B 66 15.56 16.26 6.91
N PHE B 67 15.54 16.16 8.25
CA PHE B 67 16.42 16.95 9.13
C PHE B 67 17.21 15.97 9.98
N SER B 68 18.53 15.99 9.97
CA SER B 68 19.35 15.09 10.78
C SER B 68 20.61 15.73 11.34
N PHE B 69 21.05 15.35 12.56
CA PHE B 69 22.37 15.84 13.00
C PHE B 69 23.49 15.13 12.26
N ASP B 70 23.16 14.04 11.55
CA ASP B 70 24.16 13.29 10.76
C ASP B 70 24.18 13.74 9.30
N ALA B 71 25.31 14.26 8.82
CA ALA B 71 25.38 14.85 7.49
C ALA B 71 24.98 13.89 6.37
N THR B 72 25.30 12.61 6.54
CA THR B 72 24.94 11.59 5.54
C THR B 72 23.43 11.52 5.34
N PHE B 73 22.62 11.74 6.38
CA PHE B 73 21.17 11.54 6.25
C PHE B 73 20.38 12.86 6.18
N HIS B 74 21.03 14.02 6.17
CA HIS B 74 20.40 15.34 6.24
C HIS B 74 19.99 15.91 4.87
N ALA B 75 18.84 16.58 4.81
CA ALA B 75 18.35 17.34 3.67
C ALA B 75 18.02 16.45 2.46
N LYS B 76 17.50 15.27 2.74
CA LYS B 76 17.19 14.29 1.68
C LYS B 76 15.72 14.29 1.26
N LYS B 77 15.40 13.78 0.07
CA LYS B 77 14.08 13.89 -0.55
C LYS B 77 13.49 12.54 -0.92
N GLN B 78 12.21 12.45 -1.32
CA GLN B 78 11.58 11.16 -1.64
C GLN B 78 10.55 11.32 -2.75
N ILE B 79 10.48 10.32 -3.65
CA ILE B 79 9.39 10.29 -4.64
C ILE B 79 8.76 8.89 -4.60
N PRO B 80 7.47 8.76 -4.41
CA PRO B 80 6.82 7.43 -4.42
C PRO B 80 6.77 6.87 -5.85
N CYS B 81 6.35 5.63 -6.03
CA CYS B 81 6.44 4.90 -7.30
C CYS B 81 5.16 4.11 -7.55
N ILE B 82 4.36 4.49 -8.52
CA ILE B 82 3.08 3.85 -8.84
C ILE B 82 3.29 2.73 -9.86
N VAL B 83 2.92 1.48 -9.61
CA VAL B 83 3.17 0.43 -10.60
C VAL B 83 1.81 -0.17 -11.00
N SER B 84 1.29 0.08 -12.22
CA SER B 84 -0.06 -0.37 -12.53
C SER B 84 -0.13 -1.45 -13.60
N MET B 85 -0.78 -2.56 -13.23
CA MET B 85 -1.18 -3.59 -14.20
C MET B 85 -2.70 -3.61 -14.34
N LEU B 86 -3.38 -2.51 -14.01
CA LEU B 86 -4.84 -2.44 -14.11
C LEU B 86 -5.32 -2.35 -15.56
N THR B 87 -6.54 -2.82 -15.87
CA THR B 87 -7.01 -2.78 -17.25
C THR B 87 -8.21 -1.87 -17.44
N LYS B 88 -8.69 -1.19 -16.38
CA LYS B 88 -9.78 -0.23 -16.42
C LYS B 88 -9.55 0.93 -15.44
N GLU B 89 -10.28 2.04 -15.58
CA GLU B 89 -10.29 3.14 -14.60
C GLU B 89 -10.92 2.69 -13.27
N LEU B 90 -10.42 3.17 -12.13
CA LEU B 90 -10.94 2.84 -10.80
C LEU B 90 -11.49 4.06 -10.08
N TYR B 91 -12.78 4.13 -9.77
CA TYR B 91 -13.40 5.22 -9.03
C TYR B 91 -13.94 4.63 -7.73
N PHE B 92 -13.79 5.28 -6.57
CA PHE B 92 -14.32 4.67 -5.34
C PHE B 92 -15.83 4.90 -5.18
N TYR B 93 -16.45 5.79 -5.93
CA TYR B 93 -17.90 6.01 -5.88
C TYR B 93 -18.64 5.41 -7.06
N HIS B 94 -19.96 5.36 -7.02
CA HIS B 94 -20.76 4.92 -8.17
C HIS B 94 -22.05 5.72 -8.32
N HIS B 95 -22.86 5.43 -9.34
CA HIS B 95 -24.10 6.12 -9.63
C HIS B 95 -25.29 5.58 -8.82
N ASP C 2 12.84 12.39 12.10
CA ASP C 2 12.84 11.65 10.85
C ASP C 2 13.74 10.41 10.96
N GLU C 3 13.24 9.26 10.51
CA GLU C 3 13.98 8.00 10.58
C GLU C 3 13.80 7.20 9.29
N VAL C 4 14.66 6.24 8.95
CA VAL C 4 14.36 5.48 7.72
C VAL C 4 13.86 4.06 7.96
#